data_2V06
#
_entry.id   2V06
#
_cell.length_a   74.718
_cell.length_b   83.596
_cell.length_c   33.638
_cell.angle_alpha   90.00
_cell.angle_beta   90.00
_cell.angle_gamma   90.00
#
_symmetry.space_group_name_H-M   'P 21 21 2'
#
loop_
_entity.id
_entity.type
_entity.pdbx_description
1 polymer 'SER-THR PHOSPHATASE MSPP'
2 non-polymer 'MAGNESIUM ION'
3 non-polymer 'CHLORIDE ION'
4 water water
#
_entity_poly.entity_id   1
_entity_poly.type   'polypeptide(L)'
_entity_poly.pdbx_seq_one_letter_code
;GMASVLSAATATDQGPVRENNQDACLADGILYAVADGFGARGHHASATALKTLSAGFAAAPDRDGLLEAVQQANLRVFEL
LGDEPTVSGTTLTAVAVFEPGQGGPLVVNIGDSPLYRIRDGHMEQLTDDHSVAGELVRMGEITRHEARWHPQRHLLTRAL
GIGPHIGPDVFGIDCGPGDRLLISSDGLFAAADEALIVDAATSPDPQVAVRRLVEVANDAGGSDNTTVVVIDLG
;
_entity_poly.pdbx_strand_id   A
#
loop_
_chem_comp.id
_chem_comp.type
_chem_comp.name
_chem_comp.formula
CL non-polymer 'CHLORIDE ION' 'Cl -1'
MG non-polymer 'MAGNESIUM ION' 'Mg 2'
#
# COMPACT_ATOMS: atom_id res chain seq x y z
N GLY A 1 -21.50 -2.86 20.91
CA GLY A 1 -21.29 -2.40 19.57
C GLY A 1 -19.93 -2.86 19.03
N MET A 2 -19.71 -2.61 17.74
N MET A 2 -19.68 -2.53 17.77
CA MET A 2 -18.57 -3.12 17.02
CA MET A 2 -18.64 -2.96 16.87
C MET A 2 -17.37 -2.18 17.07
C MET A 2 -17.35 -2.15 16.86
N ALA A 3 -16.22 -2.82 17.03
CA ALA A 3 -14.94 -2.21 16.80
C ALA A 3 -14.83 -1.67 15.39
N SER A 4 -13.88 -0.74 15.20
N SER A 4 -13.84 -0.78 15.29
CA SER A 4 -13.83 -0.23 13.81
CA SER A 4 -13.41 -0.08 14.09
C SER A 4 -13.23 -1.26 12.86
C SER A 4 -13.02 -1.06 12.97
N VAL A 5 -12.31 -2.12 13.35
CA VAL A 5 -11.84 -3.19 12.52
C VAL A 5 -12.40 -4.51 13.07
N LEU A 6 -13.02 -5.25 12.19
CA LEU A 6 -13.55 -6.58 12.53
C LEU A 6 -12.50 -7.64 12.34
N SER A 7 -11.87 -7.65 11.19
CA SER A 7 -10.90 -8.66 10.87
C SER A 7 -10.09 -8.15 9.69
N ALA A 8 -8.92 -8.73 9.54
CA ALA A 8 -8.04 -8.36 8.44
C ALA A 8 -7.25 -9.58 8.02
N ALA A 9 -6.75 -9.51 6.80
CA ALA A 9 -5.88 -10.62 6.32
C ALA A 9 -4.86 -10.00 5.39
N THR A 10 -3.73 -10.69 5.23
CA THR A 10 -2.70 -10.22 4.35
C THR A 10 -2.17 -11.41 3.54
N ALA A 11 -1.65 -11.13 2.35
CA ALA A 11 -0.89 -12.10 1.59
C ALA A 11 0.13 -11.35 0.73
N THR A 12 1.23 -12.05 0.54
CA THR A 12 2.26 -11.52 -0.36
C THR A 12 2.78 -12.65 -1.19
N ASP A 13 3.08 -12.37 -2.42
CA ASP A 13 3.53 -13.42 -3.33
CA ASP A 13 3.42 -13.36 -3.44
C ASP A 13 4.56 -12.84 -4.29
N GLN A 14 5.65 -13.60 -4.41
CA GLN A 14 6.72 -13.17 -5.27
C GLN A 14 6.31 -13.20 -6.73
N GLY A 15 5.47 -14.16 -7.10
CA GLY A 15 5.08 -14.45 -8.48
C GLY A 15 6.18 -15.22 -9.18
N PRO A 16 5.82 -15.72 -10.37
CA PRO A 16 6.74 -16.54 -11.17
C PRO A 16 7.81 -15.82 -12.00
N VAL A 17 7.91 -14.50 -12.00
CA VAL A 17 8.78 -13.76 -12.91
C VAL A 17 9.91 -13.08 -12.16
N ARG A 18 9.58 -12.32 -11.12
CA ARG A 18 10.57 -11.58 -10.36
C ARG A 18 11.51 -12.48 -9.60
N GLU A 19 12.78 -12.07 -9.54
CA GLU A 19 13.78 -12.86 -8.82
C GLU A 19 13.78 -12.67 -7.30
N ASN A 20 13.12 -11.61 -6.84
CA ASN A 20 13.01 -11.32 -5.45
C ASN A 20 11.57 -10.86 -5.18
N ASN A 21 11.11 -11.03 -3.93
CA ASN A 21 9.88 -10.40 -3.49
C ASN A 21 10.34 -9.16 -2.69
N GLN A 22 10.19 -8.01 -3.33
CA GLN A 22 10.60 -6.75 -2.70
C GLN A 22 9.40 -6.03 -2.08
N ASP A 23 8.24 -6.63 -2.08
CA ASP A 23 7.11 -6.10 -1.37
C ASP A 23 7.18 -6.51 0.09
N ALA A 24 6.50 -5.78 1.00
CA ALA A 24 6.30 -6.13 2.38
C ALA A 24 4.96 -5.61 2.81
N CYS A 25 4.44 -6.23 3.87
CA CYS A 25 3.16 -5.75 4.42
CA CYS A 25 3.22 -5.84 4.47
C CYS A 25 3.20 -5.85 5.97
N LEU A 26 2.25 -5.17 6.53
CA LEU A 26 2.13 -5.03 7.96
C LEU A 26 0.67 -5.05 8.35
N ALA A 27 0.37 -5.79 9.40
CA ALA A 27 -0.93 -5.76 10.06
C ALA A 27 -0.62 -5.78 11.54
N ASP A 28 -0.84 -4.69 12.23
CA ASP A 28 -0.35 -4.48 13.61
C ASP A 28 -1.39 -3.67 14.36
N GLY A 29 -2.30 -4.29 15.11
CA GLY A 29 -3.36 -3.52 15.76
C GLY A 29 -4.21 -2.82 14.72
N ILE A 30 -4.43 -1.50 14.87
CA ILE A 30 -5.18 -0.77 13.88
C ILE A 30 -4.33 -0.24 12.72
N LEU A 31 -3.06 -0.59 12.65
CA LEU A 31 -2.17 -0.12 11.61
C LEU A 31 -1.97 -1.20 10.57
N TYR A 32 -2.13 -0.83 9.31
CA TYR A 32 -2.00 -1.74 8.18
C TYR A 32 -1.20 -1.05 7.11
N ALA A 33 -0.31 -1.74 6.42
CA ALA A 33 0.50 -1.08 5.43
C ALA A 33 1.02 -2.07 4.39
N VAL A 34 1.31 -1.51 3.23
CA VAL A 34 2.03 -2.17 2.14
C VAL A 34 3.19 -1.27 1.72
N ALA A 35 4.33 -1.89 1.47
CA ALA A 35 5.50 -1.19 0.98
C ALA A 35 6.05 -1.98 -0.24
N ASP A 36 6.13 -1.36 -1.38
CA ASP A 36 6.67 -1.96 -2.59
C ASP A 36 8.07 -1.41 -2.82
N GLY A 37 9.06 -2.23 -2.54
CA GLY A 37 10.45 -1.85 -2.74
C GLY A 37 10.84 -1.96 -4.19
N PHE A 38 11.88 -1.17 -4.52
CA PHE A 38 12.50 -1.19 -5.84
C PHE A 38 14.01 -1.10 -5.69
N GLY A 39 14.71 -1.55 -6.72
CA GLY A 39 16.16 -1.41 -6.79
C GLY A 39 16.91 -2.61 -6.25
N ALA A 40 18.22 -2.51 -6.28
CA ALA A 40 19.04 -3.64 -5.82
C ALA A 40 18.78 -4.02 -4.38
N ARG A 41 18.39 -3.06 -3.58
CA ARG A 41 18.10 -3.28 -2.18
CA ARG A 41 18.09 -3.36 -2.18
C ARG A 41 16.64 -3.00 -1.86
N GLY A 42 15.77 -3.23 -2.82
CA GLY A 42 14.37 -2.91 -2.61
C GLY A 42 13.73 -3.67 -1.48
N HIS A 43 14.14 -4.89 -1.27
CA HIS A 43 13.68 -5.68 -0.13
C HIS A 43 14.03 -5.04 1.18
N HIS A 44 15.30 -4.58 1.25
CA HIS A 44 15.78 -3.90 2.45
C HIS A 44 14.96 -2.67 2.69
N ALA A 45 14.66 -1.96 1.64
CA ALA A 45 13.94 -0.68 1.80
C ALA A 45 12.53 -0.92 2.34
N SER A 46 11.80 -1.83 1.75
CA SER A 46 10.40 -2.07 2.18
C SER A 46 10.37 -2.66 3.58
N ALA A 47 11.26 -3.62 3.87
CA ALA A 47 11.22 -4.23 5.21
C ALA A 47 11.61 -3.22 6.27
N THR A 48 12.65 -2.42 6.01
CA THR A 48 13.09 -1.42 7.01
C THR A 48 12.00 -0.38 7.16
N ALA A 49 11.38 0.06 6.10
CA ALA A 49 10.34 1.07 6.23
C ALA A 49 9.27 0.57 7.16
N LEU A 50 8.79 -0.68 6.97
CA LEU A 50 7.69 -1.15 7.83
C LEU A 50 8.08 -1.43 9.25
N LYS A 51 9.32 -1.91 9.45
CA LYS A 51 9.81 -2.10 10.83
CA LYS A 51 9.75 -2.11 10.84
C LYS A 51 9.81 -0.78 11.56
N THR A 52 10.33 0.23 10.89
CA THR A 52 10.44 1.56 11.53
C THR A 52 9.06 2.15 11.74
N LEU A 53 8.19 2.04 10.75
CA LEU A 53 6.83 2.56 10.85
C LEU A 53 6.11 1.94 12.04
N SER A 54 6.19 0.61 12.17
CA SER A 54 5.54 -0.09 13.26
CA SER A 54 5.48 -0.04 13.27
C SER A 54 6.00 0.38 14.63
N ALA A 55 7.34 0.49 14.78
CA ALA A 55 7.92 0.92 16.02
C ALA A 55 7.49 2.36 16.35
N GLY A 56 7.53 3.24 15.33
CA GLY A 56 7.19 4.61 15.59
C GLY A 56 5.75 4.83 15.94
N PHE A 57 4.86 4.11 15.27
CA PHE A 57 3.43 4.20 15.56
C PHE A 57 3.14 3.67 16.95
N ALA A 58 3.78 2.56 17.34
CA ALA A 58 3.54 2.04 18.68
C ALA A 58 3.92 3.04 19.75
N ALA A 59 4.97 3.82 19.49
CA ALA A 59 5.42 4.84 20.45
C ALA A 59 4.51 6.06 20.46
N ALA A 60 3.74 6.30 19.45
CA ALA A 60 2.88 7.45 19.38
C ALA A 60 1.67 7.16 18.48
N PRO A 61 0.70 6.36 18.94
CA PRO A 61 -0.39 5.92 18.07
C PRO A 61 -1.53 6.91 17.96
N ASP A 62 -1.19 8.01 17.27
CA ASP A 62 -2.15 9.09 16.96
C ASP A 62 -1.80 9.60 15.56
N ARG A 63 -2.56 10.56 15.05
CA ARG A 63 -2.35 11.04 13.69
C ARG A 63 -0.94 11.60 13.54
N ASP A 64 -0.56 12.51 14.47
CA ASP A 64 0.79 13.09 14.29
C ASP A 64 1.89 12.06 14.40
N GLY A 65 1.68 11.08 15.25
CA GLY A 65 2.63 10.02 15.47
C GLY A 65 2.80 9.16 14.22
N LEU A 66 1.68 8.91 13.54
CA LEU A 66 1.79 8.13 12.31
C LEU A 66 2.60 8.89 11.27
N LEU A 67 2.33 10.22 11.15
CA LEU A 67 3.09 11.01 10.18
CA LEU A 67 3.11 11.06 10.27
C LEU A 67 4.59 11.04 10.61
N GLU A 68 4.86 11.15 11.90
N GLU A 68 4.86 11.18 11.91
CA GLU A 68 6.28 11.21 12.31
CA GLU A 68 6.24 11.18 12.39
C GLU A 68 6.93 9.84 12.17
C GLU A 68 6.89 9.84 11.98
N ALA A 69 6.16 8.75 12.21
CA ALA A 69 6.68 7.41 11.96
C ALA A 69 7.04 7.22 10.47
N VAL A 70 6.25 7.81 9.58
CA VAL A 70 6.54 7.77 8.16
C VAL A 70 7.82 8.58 7.87
N GLN A 71 7.96 9.75 8.52
CA GLN A 71 9.19 10.55 8.38
C GLN A 71 10.39 9.75 8.87
N GLN A 72 10.27 9.10 10.03
CA GLN A 72 11.31 8.26 10.61
CA GLN A 72 11.42 8.33 10.52
C GLN A 72 11.70 7.14 9.63
N ALA A 73 10.70 6.48 9.04
CA ALA A 73 10.92 5.39 8.12
C ALA A 73 11.73 5.91 6.92
N ASN A 74 11.35 7.07 6.41
CA ASN A 74 12.07 7.66 5.29
C ASN A 74 13.53 7.89 5.64
N LEU A 75 13.77 8.49 6.82
CA LEU A 75 15.14 8.80 7.16
CA LEU A 75 15.13 8.82 7.18
C LEU A 75 15.98 7.57 7.41
N ARG A 76 15.38 6.57 8.06
CA ARG A 76 16.10 5.32 8.34
CA ARG A 76 16.08 5.32 8.36
C ARG A 76 16.50 4.62 7.05
N VAL A 77 15.57 4.54 6.11
CA VAL A 77 15.91 3.88 4.85
C VAL A 77 16.95 4.69 4.10
N PHE A 78 16.83 6.00 4.03
CA PHE A 78 17.79 6.87 3.37
C PHE A 78 19.18 6.75 4.01
N GLU A 79 19.23 6.69 5.35
CA GLU A 79 20.49 6.54 6.05
CA GLU A 79 20.53 6.57 6.00
C GLU A 79 21.13 5.22 5.69
N LEU A 80 20.32 4.18 5.55
CA LEU A 80 20.94 2.89 5.28
CA LEU A 80 20.78 2.85 5.24
C LEU A 80 21.28 2.66 3.81
N LEU A 81 20.54 3.21 2.88
CA LEU A 81 20.70 2.90 1.46
C LEU A 81 21.18 4.06 0.60
N GLY A 82 21.14 5.25 1.19
CA GLY A 82 21.39 6.42 0.37
C GLY A 82 22.78 6.45 -0.20
N ASP A 83 23.77 5.77 0.37
CA ASP A 83 25.18 5.68 0.06
CA ASP A 83 25.11 5.92 -0.22
C ASP A 83 25.49 4.71 -1.06
N GLU A 84 24.52 3.91 -1.48
CA GLU A 84 24.75 2.80 -2.40
C GLU A 84 24.98 3.28 -3.81
N PRO A 85 25.69 2.49 -4.62
CA PRO A 85 25.98 2.88 -5.99
C PRO A 85 24.75 3.08 -6.87
N THR A 86 23.62 2.49 -6.56
CA THR A 86 22.37 2.60 -7.34
C THR A 86 21.26 2.99 -6.37
N VAL A 87 20.16 3.51 -6.90
CA VAL A 87 19.07 3.97 -6.07
C VAL A 87 18.11 2.83 -5.79
N SER A 88 17.83 2.65 -4.50
CA SER A 88 16.79 1.77 -4.05
C SER A 88 15.87 2.55 -3.10
N GLY A 89 14.65 2.11 -3.02
CA GLY A 89 13.69 2.79 -2.17
C GLY A 89 12.42 1.99 -2.12
N THR A 90 11.33 2.62 -1.63
CA THR A 90 10.08 1.89 -1.53
C THR A 90 8.91 2.83 -1.58
N THR A 91 7.77 2.33 -2.00
CA THR A 91 6.51 2.98 -1.75
C THR A 91 6.10 2.69 -0.31
N LEU A 92 5.09 3.35 0.15
CA LEU A 92 4.46 3.08 1.42
CA LEU A 92 4.46 3.06 1.42
C LEU A 92 3.03 3.57 1.40
N THR A 93 2.07 2.70 1.66
CA THR A 93 0.68 3.10 1.92
C THR A 93 0.31 2.52 3.26
N ALA A 94 -0.04 3.37 4.20
CA ALA A 94 -0.38 2.98 5.55
C ALA A 94 -1.76 3.52 5.86
N VAL A 95 -2.52 2.66 6.55
CA VAL A 95 -3.82 3.02 7.05
C VAL A 95 -3.85 2.79 8.57
N ALA A 96 -4.32 3.75 9.32
CA ALA A 96 -4.54 3.60 10.76
C ALA A 96 -6.02 3.77 10.94
N VAL A 97 -6.66 2.70 11.38
CA VAL A 97 -8.12 2.69 11.52
C VAL A 97 -8.51 3.19 12.91
N PHE A 98 -8.23 4.49 13.12
CA PHE A 98 -8.57 5.14 14.35
C PHE A 98 -10.04 5.20 14.63
N GLU A 99 -10.39 5.16 15.90
CA GLU A 99 -11.78 5.40 16.31
C GLU A 99 -12.11 6.86 16.04
N PRO A 100 -13.39 7.27 16.00
CA PRO A 100 -13.78 8.67 15.72
C PRO A 100 -13.10 9.64 16.68
N GLY A 101 -12.92 9.30 17.94
CA GLY A 101 -12.34 10.30 18.86
C GLY A 101 -10.90 10.65 18.49
N GLN A 102 -10.19 9.80 17.75
CA GLN A 102 -8.85 10.11 17.27
C GLN A 102 -8.90 10.61 15.82
N GLY A 103 -10.06 11.03 15.36
CA GLY A 103 -10.16 11.60 14.02
C GLY A 103 -10.67 10.69 12.94
N GLY A 104 -10.85 9.41 13.24
CA GLY A 104 -11.30 8.40 12.30
C GLY A 104 -10.20 7.92 11.39
N PRO A 105 -10.51 6.94 10.55
CA PRO A 105 -9.43 6.29 9.77
C PRO A 105 -8.66 7.28 8.88
N LEU A 106 -7.38 7.01 8.79
CA LEU A 106 -6.43 7.89 8.13
C LEU A 106 -5.53 7.09 7.20
N VAL A 107 -5.29 7.61 6.01
CA VAL A 107 -4.35 7.03 5.07
C VAL A 107 -3.19 8.00 4.87
N VAL A 108 -1.98 7.43 4.83
CA VAL A 108 -0.78 8.15 4.52
C VAL A 108 -0.15 7.38 3.35
N ASN A 109 0.16 8.00 2.25
CA ASN A 109 0.67 7.25 1.11
C ASN A 109 1.71 8.03 0.32
N ILE A 110 2.65 7.23 -0.15
CA ILE A 110 3.76 7.68 -0.97
CA ILE A 110 3.67 7.75 -1.05
C ILE A 110 4.02 6.65 -2.03
N GLY A 111 4.00 6.87 -3.32
CA GLY A 111 4.18 6.03 -4.39
C GLY A 111 2.91 5.53 -5.05
N ASP A 112 2.87 4.25 -5.43
CA ASP A 112 1.80 3.71 -6.26
C ASP A 112 1.22 2.39 -5.77
N SER A 113 1.18 2.21 -4.42
CA SER A 113 0.54 1.04 -3.86
C SER A 113 -0.86 1.43 -3.41
N PRO A 114 -1.91 1.23 -4.15
CA PRO A 114 -3.14 1.96 -3.82
C PRO A 114 -3.91 1.40 -2.62
N LEU A 115 -4.75 2.29 -2.10
CA LEU A 115 -5.84 1.97 -1.19
C LEU A 115 -7.13 2.00 -2.00
N TYR A 116 -7.92 0.97 -1.82
CA TYR A 116 -9.27 0.87 -2.38
CA TYR A 116 -9.25 0.82 -2.38
C TYR A 116 -10.30 0.68 -1.29
N ARG A 117 -11.48 1.19 -1.55
CA ARG A 117 -12.64 0.87 -0.74
C ARG A 117 -13.59 0.00 -1.53
N ILE A 118 -14.13 -1.02 -0.90
CA ILE A 118 -15.13 -1.91 -1.47
C ILE A 118 -16.39 -1.69 -0.67
N ARG A 119 -17.41 -1.16 -1.35
CA ARG A 119 -18.68 -0.75 -0.77
C ARG A 119 -19.76 -1.11 -1.76
N ASP A 120 -20.77 -1.83 -1.35
CA ASP A 120 -21.94 -2.17 -2.14
C ASP A 120 -21.50 -2.82 -3.43
N GLY A 121 -20.48 -3.65 -3.40
CA GLY A 121 -20.05 -4.45 -4.57
C GLY A 121 -19.13 -3.67 -5.50
N HIS A 122 -18.86 -2.40 -5.21
CA HIS A 122 -17.95 -1.63 -6.05
C HIS A 122 -16.59 -1.46 -5.38
N MET A 123 -15.53 -1.44 -6.12
N MET A 123 -15.59 -1.43 -6.20
CA MET A 123 -14.16 -1.26 -5.63
CA MET A 123 -14.25 -1.14 -5.72
C MET A 123 -13.59 0.00 -6.25
C MET A 123 -13.78 0.15 -6.37
N GLU A 124 -13.29 1.02 -5.48
CA GLU A 124 -12.79 2.28 -6.03
C GLU A 124 -11.49 2.67 -5.34
N GLN A 125 -10.61 3.28 -6.11
CA GLN A 125 -9.30 3.69 -5.61
C GLN A 125 -9.40 5.05 -4.94
N LEU A 126 -8.89 5.11 -3.71
CA LEU A 126 -9.00 6.30 -2.88
C LEU A 126 -7.80 7.21 -2.94
N THR A 127 -6.64 6.67 -3.29
CA THR A 127 -5.37 7.35 -3.25
C THR A 127 -4.92 7.77 -4.63
N ASP A 128 -4.09 8.77 -4.67
CA ASP A 128 -3.37 9.17 -5.88
C ASP A 128 -2.11 8.33 -6.05
N ASP A 129 -1.85 7.89 -7.27
CA ASP A 129 -0.59 7.24 -7.57
C ASP A 129 0.45 8.30 -7.96
N HIS A 130 1.56 8.22 -7.25
CA HIS A 130 2.66 9.15 -7.46
C HIS A 130 3.54 8.53 -8.52
N SER A 131 3.10 8.62 -9.76
CA SER A 131 3.80 8.18 -10.93
C SER A 131 3.45 9.14 -12.08
N VAL A 132 4.23 8.97 -13.15
CA VAL A 132 3.98 9.77 -14.36
C VAL A 132 2.54 9.48 -14.82
N ALA A 133 2.13 8.24 -14.90
CA ALA A 133 0.76 7.90 -15.32
C ALA A 133 -0.26 8.44 -14.33
N GLY A 134 0.02 8.38 -13.04
CA GLY A 134 -0.91 8.86 -12.03
C GLY A 134 -1.21 10.35 -12.20
N GLU A 135 -0.21 11.10 -12.60
CA GLU A 135 -0.42 12.53 -12.86
C GLU A 135 -1.36 12.76 -14.04
N LEU A 136 -1.19 11.96 -15.07
CA LEU A 136 -2.13 12.06 -16.20
C LEU A 136 -3.55 11.76 -15.78
N VAL A 137 -3.72 10.81 -14.83
CA VAL A 137 -5.06 10.50 -14.41
C VAL A 137 -5.67 11.66 -13.67
N ARG A 138 -4.88 12.28 -12.80
CA ARG A 138 -5.27 13.41 -11.96
CA ARG A 138 -5.53 13.30 -11.96
C ARG A 138 -5.84 14.58 -12.74
N MET A 139 -5.27 14.77 -13.94
N MET A 139 -5.13 14.68 -13.86
CA MET A 139 -5.57 15.90 -14.77
CA MET A 139 -5.31 15.71 -14.83
C MET A 139 -6.76 15.61 -15.68
C MET A 139 -6.25 15.26 -15.93
N GLY A 140 -7.19 14.36 -15.66
CA GLY A 140 -8.28 13.94 -16.53
C GLY A 140 -7.88 13.54 -17.92
N GLU A 141 -6.59 13.32 -18.16
CA GLU A 141 -6.13 13.19 -19.55
C GLU A 141 -6.24 11.70 -19.86
N ILE A 142 -6.03 10.82 -18.88
CA ILE A 142 -6.34 9.41 -19.08
C ILE A 142 -7.18 8.90 -17.93
N THR A 143 -7.91 7.82 -18.18
CA THR A 143 -8.73 7.18 -17.16
C THR A 143 -7.80 6.38 -16.26
N ARG A 144 -8.31 6.02 -15.10
CA ARG A 144 -7.57 5.06 -14.32
C ARG A 144 -7.36 3.75 -15.08
N HIS A 145 -8.40 3.47 -15.87
CA HIS A 145 -8.35 2.16 -16.53
C HIS A 145 -7.14 2.10 -17.44
N GLU A 146 -7.03 3.09 -18.29
CA GLU A 146 -5.98 3.42 -19.23
C GLU A 146 -4.64 3.37 -18.51
N ALA A 147 -4.57 4.09 -17.38
CA ALA A 147 -3.33 4.23 -16.66
C ALA A 147 -2.77 2.88 -16.19
N ARG A 148 -3.55 1.81 -15.96
CA ARG A 148 -2.96 0.60 -15.43
C ARG A 148 -1.96 0.02 -16.41
N TRP A 149 -2.09 0.28 -17.71
CA TRP A 149 -1.03 -0.26 -18.55
C TRP A 149 -0.22 0.81 -19.26
N HIS A 150 -0.24 2.05 -18.82
CA HIS A 150 0.59 3.08 -19.39
C HIS A 150 2.09 2.79 -19.31
N PRO A 151 2.81 3.06 -20.41
CA PRO A 151 4.25 2.70 -20.45
C PRO A 151 5.14 3.42 -19.46
N GLN A 152 4.72 4.43 -18.78
CA GLN A 152 5.28 5.34 -17.78
C GLN A 152 4.67 5.22 -16.39
N ARG A 153 3.79 4.21 -16.20
CA ARG A 153 3.26 4.02 -14.86
C ARG A 153 4.32 3.51 -13.87
N HIS A 154 5.42 3.01 -14.35
CA HIS A 154 6.42 2.47 -13.43
C HIS A 154 7.42 3.51 -12.99
N LEU A 155 7.36 4.72 -13.50
CA LEU A 155 8.20 5.86 -13.14
C LEU A 155 7.58 6.57 -11.95
N LEU A 156 8.10 6.33 -10.75
CA LEU A 156 7.57 6.96 -9.55
C LEU A 156 7.99 8.41 -9.42
N THR A 157 7.04 9.25 -8.94
CA THR A 157 7.34 10.61 -8.67
C THR A 157 7.53 10.93 -7.19
N ARG A 158 7.30 9.99 -6.31
CA ARG A 158 7.56 10.06 -4.88
C ARG A 158 7.90 8.68 -4.39
N ALA A 159 8.89 8.60 -3.49
CA ALA A 159 9.26 7.33 -2.89
C ALA A 159 9.91 7.63 -1.54
N LEU A 160 9.84 6.63 -0.69
CA LEU A 160 10.52 6.66 0.58
C LEU A 160 11.92 6.09 0.46
N GLY A 161 12.84 6.74 1.19
CA GLY A 161 14.18 6.30 1.32
C GLY A 161 15.19 6.83 0.33
N ILE A 162 14.78 7.70 -0.58
CA ILE A 162 15.66 8.18 -1.63
C ILE A 162 16.26 9.56 -1.35
N GLY A 163 15.80 10.26 -0.32
CA GLY A 163 16.37 11.49 0.12
C GLY A 163 15.81 11.85 1.50
N PRO A 164 16.34 12.93 2.03
CA PRO A 164 16.00 13.24 3.41
C PRO A 164 14.61 13.85 3.58
N HIS A 165 13.96 14.33 2.51
CA HIS A 165 12.67 14.97 2.68
C HIS A 165 11.58 14.21 1.93
N ILE A 166 10.47 13.97 2.56
CA ILE A 166 9.32 13.43 1.85
C ILE A 166 8.04 14.15 2.30
N GLY A 167 7.12 14.26 1.35
CA GLY A 167 5.82 14.82 1.54
C GLY A 167 4.72 13.81 1.13
N PRO A 168 4.37 12.91 2.05
CA PRO A 168 3.32 11.94 1.69
C PRO A 168 1.97 12.64 1.60
N ASP A 169 1.06 12.01 0.89
CA ASP A 169 -0.35 12.44 0.98
C ASP A 169 -0.90 11.91 2.29
N VAL A 170 -1.80 12.65 2.90
CA VAL A 170 -2.39 12.34 4.19
C VAL A 170 -3.85 12.70 4.12
N PHE A 171 -4.79 11.78 4.31
CA PHE A 171 -6.21 12.19 4.25
C PHE A 171 -7.03 11.21 5.08
N GLY A 172 -8.18 11.64 5.54
CA GLY A 172 -9.10 10.73 6.16
C GLY A 172 -9.73 9.84 5.11
N ILE A 173 -10.13 8.68 5.54
CA ILE A 173 -10.79 7.62 4.72
CA ILE A 173 -10.81 7.83 4.59
C ILE A 173 -12.27 7.70 5.04
N ASP A 174 -13.10 7.89 3.99
CA ASP A 174 -14.53 7.92 4.13
C ASP A 174 -14.99 6.46 4.04
N CYS A 175 -15.27 5.95 5.23
CA CYS A 175 -15.63 4.53 5.27
CA CYS A 175 -15.55 4.52 5.32
C CYS A 175 -16.44 4.34 6.54
N GLY A 176 -17.04 3.18 6.65
CA GLY A 176 -17.97 2.86 7.72
C GLY A 176 -18.34 1.39 7.75
N PRO A 177 -19.25 1.03 8.64
CA PRO A 177 -19.65 -0.37 8.84
C PRO A 177 -20.05 -1.03 7.52
N GLY A 178 -19.59 -2.26 7.34
CA GLY A 178 -19.84 -3.01 6.14
C GLY A 178 -18.81 -2.84 5.05
N ASP A 179 -18.04 -1.74 5.12
CA ASP A 179 -17.06 -1.47 4.12
C ASP A 179 -15.87 -2.42 4.33
N ARG A 180 -15.16 -2.62 3.24
CA ARG A 180 -13.90 -3.33 3.25
C ARG A 180 -12.86 -2.39 2.62
N LEU A 181 -11.66 -2.39 3.12
CA LEU A 181 -10.54 -1.71 2.53
C LEU A 181 -9.56 -2.76 2.00
N LEU A 182 -8.93 -2.38 0.88
CA LEU A 182 -7.88 -3.20 0.29
C LEU A 182 -6.67 -2.28 0.09
N ILE A 183 -5.54 -2.65 0.62
CA ILE A 183 -4.27 -2.00 0.28
C ILE A 183 -3.52 -3.00 -0.59
N SER A 184 -3.00 -2.55 -1.72
CA SER A 184 -2.25 -3.50 -2.54
CA SER A 184 -2.30 -3.46 -2.59
C SER A 184 -1.03 -2.83 -3.15
N SER A 185 -0.05 -3.66 -3.45
CA SER A 185 0.98 -3.21 -4.35
C SER A 185 0.42 -3.16 -5.77
N ASP A 186 1.12 -2.48 -6.66
CA ASP A 186 0.76 -2.40 -8.07
CA ASP A 186 0.73 -2.40 -8.06
C ASP A 186 0.69 -3.75 -8.76
N GLY A 187 1.32 -4.80 -8.24
CA GLY A 187 1.33 -6.08 -8.93
C GLY A 187 -0.05 -6.64 -9.12
N LEU A 188 -1.02 -6.28 -8.25
CA LEU A 188 -2.35 -6.89 -8.40
C LEU A 188 -2.97 -6.51 -9.75
N PHE A 189 -2.79 -5.26 -10.13
CA PHE A 189 -3.51 -4.80 -11.33
CA PHE A 189 -3.46 -4.76 -11.33
C PHE A 189 -2.61 -4.80 -12.58
N ALA A 190 -1.48 -5.49 -12.52
CA ALA A 190 -0.54 -5.45 -13.67
C ALA A 190 -1.23 -5.95 -14.92
N ALA A 191 -2.13 -6.93 -14.86
CA ALA A 191 -2.65 -7.63 -16.03
C ALA A 191 -4.04 -8.26 -15.89
N ALA A 192 -4.47 -8.66 -14.72
CA ALA A 192 -5.73 -9.40 -14.61
C ALA A 192 -6.94 -8.53 -14.93
N ASP A 193 -7.99 -9.28 -15.29
CA ASP A 193 -9.29 -8.66 -15.54
C ASP A 193 -9.82 -7.96 -14.32
N GLU A 194 -10.27 -6.68 -14.47
CA GLU A 194 -10.76 -5.96 -13.29
C GLU A 194 -11.92 -6.66 -12.66
N ALA A 195 -12.87 -7.21 -13.39
CA ALA A 195 -14.02 -7.85 -12.79
C ALA A 195 -13.59 -9.01 -11.94
N LEU A 196 -12.58 -9.75 -12.42
CA LEU A 196 -12.08 -10.85 -11.65
C LEU A 196 -11.38 -10.45 -10.36
N ILE A 197 -10.62 -9.37 -10.39
CA ILE A 197 -10.05 -8.78 -9.20
C ILE A 197 -11.11 -8.41 -8.23
N VAL A 198 -12.20 -7.78 -8.68
CA VAL A 198 -13.26 -7.39 -7.75
C VAL A 198 -13.91 -8.63 -7.17
N ASP A 199 -14.15 -9.64 -8.01
CA ASP A 199 -14.72 -10.88 -7.51
C ASP A 199 -13.86 -11.43 -6.38
N ALA A 200 -12.53 -11.51 -6.55
CA ALA A 200 -11.65 -12.03 -5.55
C ALA A 200 -11.69 -11.15 -4.30
N ALA A 201 -11.65 -9.83 -4.51
CA ALA A 201 -11.59 -8.89 -3.41
C ALA A 201 -12.82 -8.85 -2.54
N THR A 202 -13.93 -9.34 -3.06
CA THR A 202 -15.22 -9.31 -2.40
C THR A 202 -15.55 -10.66 -1.77
N SER A 203 -14.60 -11.59 -1.79
CA SER A 203 -14.83 -12.90 -1.18
C SER A 203 -15.21 -12.71 0.30
N PRO A 204 -16.33 -13.27 0.75
CA PRO A 204 -16.74 -12.96 2.14
C PRO A 204 -15.68 -13.14 3.22
N ASP A 205 -14.90 -14.22 3.18
CA ASP A 205 -13.86 -14.39 4.21
C ASP A 205 -12.62 -13.65 3.77
N PRO A 206 -12.11 -12.67 4.53
CA PRO A 206 -10.93 -11.94 4.09
C PRO A 206 -9.69 -12.80 3.86
N GLN A 207 -9.60 -13.97 4.54
CA GLN A 207 -8.48 -14.85 4.30
CA GLN A 207 -8.45 -14.83 4.30
C GLN A 207 -8.57 -15.52 2.95
N VAL A 208 -9.79 -15.81 2.53
CA VAL A 208 -10.02 -16.30 1.17
C VAL A 208 -9.77 -15.18 0.15
N ALA A 209 -10.21 -13.97 0.45
CA ALA A 209 -9.99 -12.89 -0.47
C ALA A 209 -8.53 -12.67 -0.82
N VAL A 210 -7.70 -12.64 0.24
CA VAL A 210 -6.30 -12.36 -0.09
C VAL A 210 -5.66 -13.47 -0.87
N ARG A 211 -5.98 -14.73 -0.56
CA ARG A 211 -5.44 -15.82 -1.39
CA ARG A 211 -5.49 -15.81 -1.39
C ARG A 211 -5.96 -15.77 -2.82
N ARG A 212 -7.25 -15.46 -2.98
CA ARG A 212 -7.78 -15.41 -4.36
C ARG A 212 -7.17 -14.24 -5.11
N LEU A 213 -6.92 -13.13 -4.48
CA LEU A 213 -6.32 -11.98 -5.14
C LEU A 213 -4.92 -12.32 -5.64
N VAL A 214 -4.09 -12.94 -4.81
CA VAL A 214 -2.76 -13.38 -5.25
C VAL A 214 -2.87 -14.36 -6.40
N GLU A 215 -3.81 -15.29 -6.34
CA GLU A 215 -4.01 -16.28 -7.42
CA GLU A 215 -3.95 -16.27 -7.43
C GLU A 215 -4.41 -15.60 -8.70
N VAL A 216 -5.31 -14.64 -8.65
CA VAL A 216 -5.76 -13.92 -9.87
C VAL A 216 -4.54 -13.23 -10.51
N ALA A 217 -3.74 -12.52 -9.71
CA ALA A 217 -2.58 -11.82 -10.24
C ALA A 217 -1.55 -12.78 -10.84
N ASN A 218 -1.35 -13.93 -10.23
CA ASN A 218 -0.39 -14.89 -10.73
CA ASN A 218 -0.41 -14.91 -10.74
C ASN A 218 -0.91 -15.61 -11.97
N ASP A 219 -2.19 -15.94 -12.00
CA ASP A 219 -2.79 -16.56 -13.16
C ASP A 219 -2.69 -15.68 -14.40
N ALA A 220 -2.74 -14.36 -14.15
CA ALA A 220 -2.71 -13.44 -15.25
C ALA A 220 -1.28 -13.18 -15.76
N GLY A 221 -0.28 -13.79 -15.12
CA GLY A 221 1.08 -13.72 -15.64
C GLY A 221 2.04 -13.48 -14.50
N GLY A 222 1.58 -12.89 -13.40
CA GLY A 222 2.41 -12.67 -12.26
C GLY A 222 3.70 -11.90 -12.55
N SER A 223 3.61 -10.88 -13.40
CA SER A 223 4.78 -10.11 -13.84
C SER A 223 5.47 -9.37 -12.70
N ASP A 224 4.77 -9.04 -11.64
CA ASP A 224 5.33 -8.37 -10.48
C ASP A 224 4.99 -9.17 -9.20
N ASN A 225 5.68 -8.80 -8.13
CA ASN A 225 5.24 -9.18 -6.79
C ASN A 225 3.83 -8.60 -6.56
N THR A 226 2.98 -9.34 -5.85
CA THR A 226 1.64 -8.88 -5.49
C THR A 226 1.49 -9.05 -4.00
N THR A 227 1.06 -7.99 -3.33
CA THR A 227 0.85 -7.99 -1.91
C THR A 227 -0.47 -7.28 -1.61
N VAL A 228 -1.28 -7.86 -0.75
CA VAL A 228 -2.62 -7.35 -0.51
C VAL A 228 -2.88 -7.43 1.02
N VAL A 229 -3.63 -6.46 1.50
CA VAL A 229 -4.10 -6.40 2.86
C VAL A 229 -5.59 -6.04 2.75
N VAL A 230 -6.46 -6.91 3.30
CA VAL A 230 -7.89 -6.70 3.30
C VAL A 230 -8.33 -6.47 4.73
N ILE A 231 -9.15 -5.43 4.93
CA ILE A 231 -9.57 -4.97 6.24
C ILE A 231 -11.09 -4.83 6.20
N ASP A 232 -11.78 -5.57 7.05
CA ASP A 232 -13.21 -5.49 7.19
C ASP A 232 -13.54 -4.54 8.35
N LEU A 233 -14.33 -3.54 8.05
CA LEU A 233 -14.68 -2.49 9.01
C LEU A 233 -16.00 -2.69 9.71
N GLY A 234 -16.07 -2.21 10.94
CA GLY A 234 -17.26 -2.18 11.75
C GLY A 234 -17.70 -0.79 12.15
MG MG B . 5.38 -3.46 -7.75
MG MG C . 8.82 -3.58 -6.19
CL CL D . 13.11 -8.36 -8.68
MG MG E . 5.19 15.20 19.79
#